data_5LVL
#
_entry.id   5LVL
#
_cell.length_a   148.240
_cell.length_b   44.430
_cell.length_c   47.250
_cell.angle_alpha   90.00
_cell.angle_beta   100.34
_cell.angle_gamma   90.00
#
_symmetry.space_group_name_H-M   'C 1 2 1'
#
loop_
_entity.id
_entity.type
_entity.pdbx_description
1 polymer '3-phosphoinositide-dependent protein kinase 1'
2 non-polymer 2,6-DIHYDROANTHRA/1,9-CD/PYRAZOL-6-ONE
3 non-polymer 'DITHIANE DIOL'
4 non-polymer 'DIMETHYL SULFOXIDE'
5 water water
#
_entity_poly.entity_id   1
_entity_poly.type   'polypeptide(L)'
_entity_poly.pdbx_seq_one_letter_code
;GAMDGTAAEPRPGAGSLQHAQPPPQPRKKRPEDFKFGKILGEGSFSTVVLARELATSREYAIKILEKRHIIKENKVPYVT
RERDVMSRLDHPFFVKLYFTFQDDEKLYFGLSYAKNGELLKYIRKIGSFDETCTRFYTAEIVSALEYLHGKGIIHRDLKP
ENILLNEDMHIQITDFGTAKVLSPESKQARAN(SEP)FVGTAQYVSPELLTEKSACKSSDLWALGCIIYQLVAGLPPFRA
GNEGLIFAKIIKLEYDFPEKFFPKARDLVEKLLVLDATKRLGCEEMEGYGPLKAHPFFESVTWENLHQQTPPKLT
;
_entity_poly.pdbx_strand_id   A
#
# COMPACT_ATOMS: atom_id res chain seq x y z
N PRO A 26 -1.97 -8.97 -27.95
CA PRO A 26 -1.01 -8.26 -28.81
C PRO A 26 0.33 -8.98 -28.92
N ARG A 27 1.12 -8.59 -29.91
CA ARG A 27 2.46 -9.14 -30.11
C ARG A 27 3.25 -8.98 -28.83
N LYS A 28 3.91 -10.06 -28.41
CA LYS A 28 4.78 -10.01 -27.23
C LYS A 28 5.83 -8.94 -27.42
N LYS A 29 6.02 -8.12 -26.39
CA LYS A 29 6.94 -7.02 -26.49
C LYS A 29 8.38 -7.49 -26.22
N ARG A 30 9.36 -6.67 -26.62
CA ARG A 30 10.78 -7.02 -26.50
C ARG A 30 11.52 -5.78 -26.03
N PRO A 31 12.73 -5.94 -25.50
CA PRO A 31 13.42 -4.74 -24.99
C PRO A 31 13.64 -3.67 -26.05
N GLU A 32 13.92 -4.06 -27.29
CA GLU A 32 14.16 -3.08 -28.33
C GLU A 32 12.90 -2.30 -28.75
N ASP A 33 11.74 -2.65 -28.20
CA ASP A 33 10.53 -1.87 -28.43
C ASP A 33 10.48 -0.62 -27.58
N PHE A 34 11.43 -0.43 -26.67
CA PHE A 34 11.41 0.68 -25.74
C PHE A 34 12.69 1.49 -25.77
N LYS A 35 12.55 2.75 -25.44
CA LYS A 35 13.69 3.59 -25.08
C LYS A 35 13.66 3.73 -23.57
N PHE A 36 14.70 3.23 -22.93
CA PHE A 36 14.78 3.28 -21.48
C PHE A 36 15.42 4.59 -21.05
N GLY A 37 14.91 5.10 -19.93
CA GLY A 37 15.38 6.34 -19.34
C GLY A 37 15.90 6.14 -17.93
N LYS A 38 15.55 7.05 -17.03
CA LYS A 38 16.09 7.02 -15.68
CA LYS A 38 16.09 7.03 -15.68
C LYS A 38 15.56 5.86 -14.85
N ILE A 39 16.37 5.46 -13.88
CA ILE A 39 15.92 4.57 -12.84
C ILE A 39 14.96 5.34 -11.94
N LEU A 40 13.77 4.78 -11.75
CA LEU A 40 12.79 5.34 -10.84
C LEU A 40 12.92 4.83 -9.41
N GLY A 41 13.27 3.56 -9.27
CA GLY A 41 13.35 2.93 -7.95
C GLY A 41 14.29 1.73 -8.02
N GLU A 42 14.95 1.45 -6.90
CA GLU A 42 15.87 0.34 -6.81
C GLU A 42 15.50 -0.49 -5.59
N GLY A 43 15.57 -1.80 -5.73
CA GLY A 43 15.31 -2.73 -4.65
C GLY A 43 16.46 -3.71 -4.60
N SER A 44 16.43 -4.62 -3.63
CA SER A 44 17.50 -5.59 -3.46
C SER A 44 17.63 -6.50 -4.68
N PHE A 45 16.51 -6.80 -5.34
CA PHE A 45 16.55 -7.73 -6.46
C PHE A 45 15.69 -7.31 -7.67
N SER A 46 15.29 -6.04 -7.71
CA SER A 46 14.58 -5.50 -8.88
C SER A 46 14.96 -4.06 -9.05
N THR A 47 14.85 -3.58 -10.29
CA THR A 47 15.04 -2.17 -10.60
C THR A 47 13.90 -1.72 -11.50
N VAL A 48 13.33 -0.56 -11.19
CA VAL A 48 12.23 -0.01 -11.99
C VAL A 48 12.75 1.17 -12.79
N VAL A 49 12.64 1.07 -14.10
CA VAL A 49 13.16 2.06 -15.04
C VAL A 49 12.05 2.68 -15.83
N LEU A 50 12.09 3.98 -16.04
CA LEU A 50 11.12 4.65 -16.91
C LEU A 50 11.43 4.30 -18.36
N ALA A 51 10.42 3.96 -19.13
CA ALA A 51 10.63 3.58 -20.53
C ALA A 51 9.53 4.16 -21.39
N ARG A 52 9.91 4.52 -22.59
CA ARG A 52 8.92 4.97 -23.57
C ARG A 52 8.81 3.89 -24.66
N GLU A 53 7.58 3.43 -24.88
CA GLU A 53 7.31 2.49 -25.94
C GLU A 53 7.37 3.22 -27.29
N LEU A 54 8.26 2.81 -28.18
CA LEU A 54 8.54 3.55 -29.42
C LEU A 54 7.31 3.63 -30.32
N ALA A 55 6.55 2.55 -30.41
CA ALA A 55 5.42 2.50 -31.35
C ALA A 55 4.23 3.34 -30.92
N THR A 56 4.14 3.74 -29.65
CA THR A 56 2.96 4.42 -29.11
C THR A 56 3.29 5.73 -28.41
N SER A 57 4.55 5.90 -28.03
CA SER A 57 4.99 7.01 -27.18
CA SER A 57 5.00 7.02 -27.19
C SER A 57 4.46 6.97 -25.76
N ARG A 58 3.88 5.84 -25.38
CA ARG A 58 3.43 5.65 -24.00
C ARG A 58 4.60 5.45 -23.05
N GLU A 59 4.50 5.99 -21.85
CA GLU A 59 5.50 5.75 -20.82
C GLU A 59 5.01 4.70 -19.84
N TYR A 60 5.92 3.79 -19.53
CA TYR A 60 5.71 2.75 -18.57
C TYR A 60 6.83 2.74 -17.55
N ALA A 61 6.55 2.27 -16.33
CA ALA A 61 7.58 1.92 -15.38
C ALA A 61 7.87 0.43 -15.56
N ILE A 62 9.04 0.07 -16.04
CA ILE A 62 9.34 -1.31 -16.32
C ILE A 62 10.19 -1.84 -15.20
N LYS A 63 9.64 -2.85 -14.50
CA LYS A 63 10.39 -3.51 -13.43
C LYS A 63 11.24 -4.61 -14.04
N ILE A 64 12.54 -4.61 -13.77
CA ILE A 64 13.46 -5.52 -14.42
C ILE A 64 14.16 -6.32 -13.34
N LEU A 65 14.16 -7.64 -13.55
CA LEU A 65 14.81 -8.56 -12.62
C LEU A 65 15.83 -9.38 -13.36
N GLU A 66 17.00 -9.57 -12.76
CA GLU A 66 18.02 -10.40 -13.39
C GLU A 66 17.76 -11.84 -13.01
N LYS A 67 17.52 -12.68 -14.00
CA LYS A 67 17.26 -14.11 -13.73
C LYS A 67 18.28 -14.81 -12.82
N ARG A 68 19.58 -14.58 -13.07
CA ARG A 68 20.61 -15.24 -12.27
C ARG A 68 20.51 -14.86 -10.80
N HIS A 69 20.23 -13.60 -10.53
CA HIS A 69 20.20 -13.09 -9.17
C HIS A 69 18.99 -13.61 -8.43
N ILE A 70 17.82 -13.57 -9.10
CA ILE A 70 16.62 -14.06 -8.45
C ILE A 70 16.71 -15.58 -8.25
N ILE A 71 17.34 -16.28 -9.19
CA ILE A 71 17.48 -17.73 -9.09
C ILE A 71 18.43 -18.09 -7.98
N LYS A 72 19.55 -17.38 -7.91
CA LYS A 72 20.56 -17.74 -6.90
C LYS A 72 20.08 -17.38 -5.49
N GLU A 73 19.26 -16.34 -5.40
CA GLU A 73 18.90 -15.74 -4.12
C GLU A 73 17.51 -16.18 -3.65
N ASN A 74 16.98 -17.24 -4.23
CA ASN A 74 15.71 -17.81 -3.79
C ASN A 74 14.53 -16.84 -3.90
N LYS A 75 14.52 -15.98 -4.92
CA LYS A 75 13.47 -14.95 -5.04
C LYS A 75 12.39 -15.25 -6.07
N VAL A 76 12.49 -16.39 -6.74
CA VAL A 76 11.54 -16.69 -7.82
C VAL A 76 10.10 -16.72 -7.31
N PRO A 77 9.88 -17.33 -6.13
CA PRO A 77 8.49 -17.35 -5.66
C PRO A 77 7.87 -15.96 -5.49
N TYR A 78 8.68 -14.98 -5.11
CA TYR A 78 8.16 -13.63 -4.92
C TYR A 78 7.82 -12.98 -6.27
N VAL A 79 8.62 -13.28 -7.28
CA VAL A 79 8.39 -12.76 -8.62
C VAL A 79 7.12 -13.36 -9.21
N THR A 80 6.99 -14.68 -9.07
CA THR A 80 5.80 -15.40 -9.48
CA THR A 80 5.79 -15.33 -9.56
C THR A 80 4.56 -14.82 -8.79
N ARG A 81 4.70 -14.61 -7.48
CA ARG A 81 3.61 -14.08 -6.67
C ARG A 81 3.18 -12.71 -7.17
N GLU A 82 4.15 -11.83 -7.38
CA GLU A 82 3.86 -10.49 -7.88
C GLU A 82 3.09 -10.56 -9.20
N ARG A 83 3.58 -11.38 -10.13
CA ARG A 83 2.87 -11.51 -11.41
C ARG A 83 1.41 -12.02 -11.26
N ASP A 84 1.28 -13.10 -10.50
CA ASP A 84 -0.04 -13.68 -10.28
C ASP A 84 -1.02 -12.74 -9.58
N VAL A 85 -0.57 -12.05 -8.55
CA VAL A 85 -1.48 -11.15 -7.85
C VAL A 85 -1.81 -9.96 -8.71
N MET A 86 -0.81 -9.36 -9.35
CA MET A 86 -1.11 -8.18 -10.16
C MET A 86 -2.03 -8.48 -11.32
N SER A 87 -1.92 -9.68 -11.90
CA SER A 87 -2.79 -10.06 -13.00
CA SER A 87 -2.79 -10.06 -13.00
C SER A 87 -4.27 -10.08 -12.60
N ARG A 88 -4.57 -10.20 -11.30
CA ARG A 88 -5.95 -10.26 -10.84
C ARG A 88 -6.60 -8.92 -10.57
N LEU A 89 -5.80 -7.87 -10.56
CA LEU A 89 -6.30 -6.58 -10.08
C LEU A 89 -6.71 -5.72 -11.29
N ASP A 90 -7.82 -5.02 -11.13
CA ASP A 90 -8.32 -4.12 -12.15
C ASP A 90 -9.07 -2.98 -11.47
N HIS A 91 -8.30 -2.05 -10.91
CA HIS A 91 -8.86 -0.95 -10.12
C HIS A 91 -7.97 0.29 -10.17
N PRO A 92 -8.57 1.49 -10.23
CA PRO A 92 -7.76 2.71 -10.40
C PRO A 92 -6.71 2.96 -9.32
N PHE A 93 -6.88 2.42 -8.12
CA PHE A 93 -5.94 2.73 -7.04
C PHE A 93 -4.80 1.73 -6.89
N PHE A 94 -4.60 0.87 -7.90
CA PHE A 94 -3.50 -0.08 -7.92
C PHE A 94 -2.73 0.08 -9.19
N VAL A 95 -1.41 -0.08 -9.07
CA VAL A 95 -0.53 -0.14 -10.23
CA VAL A 95 -0.57 -0.09 -10.26
C VAL A 95 -0.99 -1.29 -11.08
N LYS A 96 -1.08 -1.09 -12.40
CA LYS A 96 -1.50 -2.12 -13.33
C LYS A 96 -0.30 -2.79 -14.01
N LEU A 97 -0.40 -4.10 -14.17
CA LEU A 97 0.54 -4.89 -14.96
C LEU A 97 0.01 -4.98 -16.36
N TYR A 98 0.68 -4.32 -17.29
CA TYR A 98 0.25 -4.29 -18.68
C TYR A 98 0.79 -5.42 -19.50
N PHE A 99 2.02 -5.85 -19.25
CA PHE A 99 2.67 -6.83 -20.10
C PHE A 99 3.87 -7.38 -19.38
N THR A 100 4.29 -8.57 -19.81
CA THR A 100 5.55 -9.15 -19.36
C THR A 100 6.31 -9.68 -20.56
N PHE A 101 7.64 -9.68 -20.45
CA PHE A 101 8.47 -10.35 -21.43
C PHE A 101 9.82 -10.70 -20.80
N GLN A 102 10.62 -11.51 -21.49
CA GLN A 102 11.96 -11.85 -21.02
C GLN A 102 12.94 -11.94 -22.16
N ASP A 103 14.22 -11.82 -21.81
CA ASP A 103 15.31 -12.13 -22.74
C ASP A 103 16.23 -13.08 -21.98
N ASP A 104 17.46 -13.29 -22.47
CA ASP A 104 18.29 -14.34 -21.86
C ASP A 104 18.62 -14.07 -20.39
N GLU A 105 18.77 -12.81 -20.02
CA GLU A 105 19.29 -12.46 -18.72
C GLU A 105 18.23 -11.92 -17.80
N LYS A 106 17.14 -11.38 -18.38
CA LYS A 106 16.19 -10.59 -17.59
C LYS A 106 14.71 -10.88 -17.80
N LEU A 107 13.97 -10.59 -16.74
CA LEU A 107 12.50 -10.55 -16.77
CA LEU A 107 12.51 -10.57 -16.78
C LEU A 107 12.06 -9.11 -16.70
N TYR A 108 11.05 -8.77 -17.50
CA TYR A 108 10.50 -7.42 -17.53
C TYR A 108 9.00 -7.38 -17.29
N PHE A 109 8.58 -6.53 -16.36
CA PHE A 109 7.16 -6.31 -16.07
C PHE A 109 6.83 -4.87 -16.41
N GLY A 110 5.90 -4.66 -17.34
CA GLY A 110 5.47 -3.33 -17.73
C GLY A 110 4.36 -2.86 -16.82
N LEU A 111 4.62 -1.82 -16.05
CA LEU A 111 3.73 -1.33 -15.00
C LEU A 111 3.30 0.11 -15.28
N SER A 112 2.14 0.50 -14.72
CA SER A 112 1.77 1.92 -14.67
C SER A 112 2.89 2.79 -14.16
N TYR A 113 3.08 3.94 -14.77
CA TYR A 113 4.04 4.94 -14.29
C TYR A 113 3.30 5.94 -13.42
N ALA A 114 3.71 6.07 -12.16
CA ALA A 114 3.13 6.99 -11.17
C ALA A 114 4.10 8.10 -10.97
N LYS A 115 3.93 9.15 -11.76
CA LYS A 115 4.99 10.15 -11.97
C LYS A 115 5.41 10.83 -10.67
N ASN A 116 4.48 11.00 -9.73
CA ASN A 116 4.79 11.73 -8.52
C ASN A 116 5.42 10.91 -7.40
N GLY A 117 5.70 9.62 -7.64
CA GLY A 117 6.47 8.81 -6.71
C GLY A 117 5.77 8.50 -5.40
N GLU A 118 6.55 8.23 -4.38
CA GLU A 118 6.03 7.69 -3.12
C GLU A 118 5.32 8.71 -2.27
N LEU A 119 4.24 8.26 -1.64
CA LEU A 119 3.55 9.09 -0.66
C LEU A 119 4.49 9.54 0.46
N LEU A 120 5.42 8.66 0.84
CA LEU A 120 6.37 8.97 1.90
C LEU A 120 7.11 10.29 1.64
N LYS A 121 7.46 10.55 0.38
CA LYS A 121 8.20 11.77 0.02
C LYS A 121 7.45 13.02 0.49
N TYR A 122 6.15 13.00 0.27
CA TYR A 122 5.28 14.12 0.66
C TYR A 122 5.12 14.25 2.16
N ILE A 123 4.96 13.11 2.84
CA ILE A 123 4.94 13.21 4.31
C ILE A 123 6.21 13.85 4.86
N ARG A 124 7.35 13.42 4.34
CA ARG A 124 8.64 13.94 4.78
CA ARG A 124 8.60 13.95 4.84
C ARG A 124 8.71 15.43 4.52
N LYS A 125 8.35 15.82 3.30
CA LYS A 125 8.52 17.23 2.90
C LYS A 125 7.61 18.19 3.64
N ILE A 126 6.33 17.83 3.78
CA ILE A 126 5.32 18.68 4.39
CA ILE A 126 5.41 18.78 4.41
C ILE A 126 5.23 18.53 5.90
N GLY A 127 5.62 17.36 6.37
CA GLY A 127 5.66 17.12 7.81
C GLY A 127 4.37 16.53 8.41
C GLY A 127 4.50 16.36 8.26
N SER A 128 3.21 17.17 8.16
N SER A 128 3.36 16.72 7.70
CA SER A 128 1.93 16.73 8.74
CA SER A 128 2.12 16.11 8.08
C SER A 128 0.80 17.15 7.77
C SER A 128 1.12 16.76 7.20
N PHE A 129 0.05 16.19 7.21
N PHE A 129 -0.03 16.14 7.18
CA PHE A 129 -1.07 16.52 6.31
CA PHE A 129 -1.11 16.51 6.30
C PHE A 129 -2.20 17.19 7.12
N ASP A 130 -2.88 18.15 6.50
CA ASP A 130 -4.04 18.76 7.15
C ASP A 130 -5.20 17.75 7.18
N GLU A 131 -6.32 18.13 7.75
CA GLU A 131 -7.42 17.18 7.92
CA GLU A 131 -7.42 17.19 7.92
C GLU A 131 -8.05 16.81 6.58
N THR A 132 -8.27 17.78 5.72
CA THR A 132 -8.85 17.48 4.40
C THR A 132 -8.00 16.48 3.59
N CYS A 133 -6.70 16.72 3.58
CA CYS A 133 -5.78 15.84 2.88
C CYS A 133 -5.67 14.49 3.52
N THR A 134 -5.59 14.45 4.84
CA THR A 134 -5.60 13.16 5.56
C THR A 134 -6.85 12.38 5.22
N ARG A 135 -8.00 13.04 5.23
CA ARG A 135 -9.26 12.35 4.96
C ARG A 135 -9.28 11.82 3.53
N PHE A 136 -8.88 12.63 2.56
CA PHE A 136 -8.97 12.20 1.17
C PHE A 136 -8.08 11.01 0.91
N TYR A 137 -6.82 11.13 1.30
CA TYR A 137 -5.89 10.04 1.02
C TYR A 137 -6.23 8.79 1.83
N THR A 138 -6.69 8.96 3.07
CA THR A 138 -7.14 7.80 3.83
C THR A 138 -8.31 7.12 3.12
N ALA A 139 -9.25 7.92 2.63
CA ALA A 139 -10.40 7.35 1.95
C ALA A 139 -9.97 6.59 0.71
N GLU A 140 -9.03 7.13 -0.07
CA GLU A 140 -8.55 6.35 -1.21
C GLU A 140 -7.93 5.01 -0.77
N ILE A 141 -7.12 5.03 0.28
CA ILE A 141 -6.55 3.77 0.73
C ILE A 141 -7.62 2.78 1.22
N VAL A 142 -8.61 3.26 1.97
CA VAL A 142 -9.71 2.41 2.40
C VAL A 142 -10.43 1.82 1.19
N SER A 143 -10.73 2.62 0.18
CA SER A 143 -11.38 2.14 -1.03
CA SER A 143 -11.41 2.15 -1.02
C SER A 143 -10.58 1.07 -1.72
N ALA A 144 -9.28 1.31 -1.78
CA ALA A 144 -8.37 0.33 -2.37
C ALA A 144 -8.42 -1.00 -1.59
N LEU A 145 -8.32 -0.92 -0.26
CA LEU A 145 -8.37 -2.12 0.58
C LEU A 145 -9.70 -2.84 0.47
N GLU A 146 -10.79 -2.12 0.37
CA GLU A 146 -12.09 -2.75 0.16
C GLU A 146 -12.07 -3.62 -1.09
N TYR A 147 -11.54 -3.06 -2.18
CA TYR A 147 -11.43 -3.82 -3.43
C TYR A 147 -10.53 -5.06 -3.26
N LEU A 148 -9.36 -4.83 -2.70
CA LEU A 148 -8.38 -5.93 -2.55
C LEU A 148 -8.92 -7.07 -1.69
N HIS A 149 -9.47 -6.72 -0.54
CA HIS A 149 -10.01 -7.69 0.37
C HIS A 149 -11.23 -8.39 -0.23
N GLY A 150 -12.00 -7.65 -1.02
CA GLY A 150 -13.13 -8.25 -1.71
C GLY A 150 -12.72 -9.33 -2.68
N LYS A 151 -11.48 -9.27 -3.19
CA LYS A 151 -10.92 -10.32 -4.06
C LYS A 151 -10.18 -11.40 -3.25
N GLY A 152 -10.25 -11.32 -1.93
CA GLY A 152 -9.58 -12.29 -1.07
C GLY A 152 -8.09 -12.18 -1.10
N ILE A 153 -7.55 -10.98 -1.25
CA ILE A 153 -6.11 -10.76 -1.33
C ILE A 153 -5.67 -9.93 -0.14
N ILE A 154 -4.58 -10.31 0.55
CA ILE A 154 -4.02 -9.53 1.64
C ILE A 154 -2.73 -8.89 1.08
N HIS A 155 -2.50 -7.60 1.32
CA HIS A 155 -1.29 -6.98 0.84
C HIS A 155 -0.05 -7.39 1.65
N ARG A 156 -0.17 -7.22 2.98
CA ARG A 156 0.86 -7.61 3.99
C ARG A 156 2.05 -6.65 4.12
N ASP A 157 2.23 -5.73 3.19
CA ASP A 157 3.31 -4.76 3.27
C ASP A 157 2.85 -3.34 2.91
N LEU A 158 1.70 -2.97 3.43
CA LEU A 158 1.13 -1.67 3.15
C LEU A 158 1.90 -0.63 3.95
N LYS A 159 2.38 0.40 3.26
CA LYS A 159 3.17 1.44 3.90
C LYS A 159 3.32 2.60 2.91
N PRO A 160 3.67 3.81 3.37
CA PRO A 160 3.77 4.94 2.43
C PRO A 160 4.75 4.76 1.29
N GLU A 161 5.82 3.98 1.45
CA GLU A 161 6.74 3.74 0.36
C GLU A 161 6.11 2.97 -0.81
N ASN A 162 5.03 2.23 -0.50
N ASN A 162 5.05 2.18 -0.59
CA ASN A 162 4.33 1.37 -1.44
CA ASN A 162 4.39 1.51 -1.71
C ASN A 162 3.06 2.01 -1.97
C ASN A 162 2.93 1.96 -1.86
N ILE A 163 2.76 3.22 -1.54
N ILE A 163 2.76 3.24 -1.61
CA ILE A 163 1.61 3.96 -2.06
CA ILE A 163 1.61 3.98 -2.07
C ILE A 163 2.13 5.08 -2.95
N LEU A 164 2.04 4.91 -4.25
CA LEU A 164 2.56 5.87 -5.20
C LEU A 164 1.48 6.88 -5.58
N LEU A 165 1.89 7.98 -6.21
CA LEU A 165 0.97 9.04 -6.59
C LEU A 165 1.13 9.28 -8.08
N ASN A 166 0.03 9.19 -8.83
CA ASN A 166 0.11 9.46 -10.24
C ASN A 166 0.16 10.94 -10.55
N GLU A 167 0.22 11.26 -11.83
CA GLU A 167 0.31 12.66 -12.29
C GLU A 167 -0.83 13.50 -11.77
N ASP A 168 -1.98 12.88 -11.56
CA ASP A 168 -3.16 13.58 -11.07
C ASP A 168 -3.28 13.55 -9.57
N MET A 169 -2.27 13.00 -8.89
CA MET A 169 -2.22 12.93 -7.46
C MET A 169 -3.22 11.99 -6.79
N HIS A 170 -3.66 11.00 -7.56
CA HIS A 170 -4.38 9.88 -6.95
C HIS A 170 -3.43 8.75 -6.60
N ILE A 171 -3.83 7.90 -5.66
CA ILE A 171 -2.92 6.85 -5.23
C ILE A 171 -2.86 5.72 -6.24
N GLN A 172 -1.71 5.03 -6.24
CA GLN A 172 -1.42 3.82 -7.02
CA GLN A 172 -1.52 3.77 -6.96
C GLN A 172 -0.65 2.87 -6.10
N ILE A 173 -1.29 1.88 -5.51
CA ILE A 173 -0.60 0.98 -4.58
C ILE A 173 0.17 -0.06 -5.36
N THR A 174 1.41 -0.34 -4.88
CA THR A 174 2.30 -1.27 -5.54
C THR A 174 2.87 -2.29 -4.55
N ASP A 175 3.72 -3.17 -5.07
CA ASP A 175 4.56 -4.10 -4.32
C ASP A 175 3.74 -5.28 -3.85
N PHE A 176 3.50 -6.20 -4.77
CA PHE A 176 2.64 -7.36 -4.49
C PHE A 176 3.37 -8.69 -4.37
N GLY A 177 4.69 -8.66 -4.40
CA GLY A 177 5.48 -9.87 -4.25
C GLY A 177 5.29 -10.51 -2.89
N THR A 178 4.91 -9.73 -1.89
CA THR A 178 4.62 -10.31 -0.57
C THR A 178 3.12 -10.38 -0.25
N ALA A 179 2.28 -10.11 -1.23
CA ALA A 179 0.84 -10.27 -1.09
C ALA A 179 0.43 -11.75 -1.12
N LYS A 180 -0.82 -12.02 -0.73
CA LYS A 180 -1.33 -13.39 -0.66
C LYS A 180 -2.73 -13.45 -1.20
N VAL A 181 -2.96 -14.33 -2.15
CA VAL A 181 -4.32 -14.68 -2.57
C VAL A 181 -4.80 -15.79 -1.65
N LEU A 182 -5.76 -15.49 -0.81
CA LEU A 182 -6.37 -16.51 0.04
C LEU A 182 -7.24 -17.43 -0.77
N SER A 183 -7.18 -18.72 -0.50
CA SER A 183 -7.88 -19.68 -1.31
C SER A 183 -9.38 -19.63 -1.02
N PRO A 184 -10.21 -19.37 -2.05
CA PRO A 184 -11.65 -19.43 -1.81
C PRO A 184 -12.11 -20.85 -1.56
N GLU A 185 -11.43 -21.83 -2.13
CA GLU A 185 -11.86 -23.22 -2.05
C GLU A 185 -11.89 -23.72 -0.61
N SER A 186 -10.94 -23.24 0.21
CA SER A 186 -10.81 -23.70 1.60
C SER A 186 -11.32 -22.66 2.59
N LYS A 187 -11.89 -21.58 2.09
CA LYS A 187 -12.32 -20.44 2.90
C LYS A 187 -11.18 -19.97 3.78
N GLN A 188 -10.00 -19.92 3.18
CA GLN A 188 -8.81 -19.54 3.90
C GLN A 188 -8.92 -18.11 4.41
N ALA A 189 -8.53 -17.91 5.68
CA ALA A 189 -8.52 -16.58 6.29
C ALA A 189 -7.13 -16.17 6.74
N ARG A 190 -6.30 -17.15 7.09
CA ARG A 190 -4.96 -16.83 7.62
C ARG A 190 -3.86 -17.33 6.66
N ALA A 191 -2.76 -16.55 6.55
CA ALA A 191 -1.60 -16.90 5.75
C ALA A 191 -0.38 -16.97 6.67
N ASN A 192 0.58 -17.84 6.32
CA ASN A 192 1.66 -18.21 7.23
C ASN A 192 3.04 -17.68 6.88
N PHE A 194 6.13 -15.17 6.66
CA PHE A 194 6.57 -14.05 7.49
C PHE A 194 7.17 -12.96 6.61
N VAL A 195 6.34 -11.95 6.34
CA VAL A 195 6.69 -10.86 5.45
C VAL A 195 6.15 -9.59 6.04
N GLY A 196 6.67 -8.48 5.57
CA GLY A 196 6.22 -7.18 6.03
C GLY A 196 7.37 -6.23 6.31
N THR A 197 7.04 -5.13 6.96
CA THR A 197 7.99 -4.09 7.35
C THR A 197 7.73 -3.77 8.80
N ALA A 198 8.78 -3.68 9.61
CA ALA A 198 8.63 -3.63 11.07
C ALA A 198 7.64 -2.59 11.54
N GLN A 199 7.70 -1.36 11.05
CA GLN A 199 6.85 -0.29 11.56
CA GLN A 199 6.87 -0.29 11.58
C GLN A 199 5.39 -0.56 11.38
N TYR A 200 5.05 -1.41 10.40
CA TYR A 200 3.66 -1.60 9.98
C TYR A 200 3.15 -3.02 10.24
N VAL A 201 4.02 -3.88 10.73
CA VAL A 201 3.67 -5.28 10.89
C VAL A 201 2.65 -5.42 12.03
N SER A 202 1.72 -6.36 11.86
CA SER A 202 0.65 -6.55 12.82
C SER A 202 1.05 -7.45 13.97
N PRO A 203 0.43 -7.27 15.13
CA PRO A 203 0.80 -8.06 16.29
C PRO A 203 0.57 -9.53 16.07
N GLU A 204 -0.47 -9.90 15.32
CA GLU A 204 -0.75 -11.31 15.08
C GLU A 204 0.37 -11.95 14.30
N LEU A 205 0.97 -11.24 13.35
CA LEU A 205 2.07 -11.89 12.64
C LEU A 205 3.24 -12.16 13.59
N LEU A 206 3.50 -11.24 14.52
CA LEU A 206 4.59 -11.41 15.44
C LEU A 206 4.35 -12.52 16.44
N THR A 207 3.14 -12.60 16.98
CA THR A 207 2.79 -13.51 18.05
C THR A 207 2.21 -14.87 17.62
N GLU A 208 1.35 -14.86 16.62
CA GLU A 208 0.68 -16.08 16.17
CA GLU A 208 0.65 -16.06 16.16
C GLU A 208 1.29 -16.63 14.90
N LYS A 209 2.16 -15.83 14.28
CA LYS A 209 2.90 -16.18 13.07
C LYS A 209 1.98 -16.36 11.88
N SER A 210 0.88 -15.65 11.89
CA SER A 210 0.05 -15.61 10.70
CA SER A 210 -0.04 -15.65 10.76
C SER A 210 -0.59 -14.24 10.54
N ALA A 211 -0.96 -13.92 9.31
CA ALA A 211 -1.63 -12.68 8.98
C ALA A 211 -2.97 -12.98 8.34
N CYS A 212 -3.80 -11.95 8.30
CA CYS A 212 -5.15 -12.05 7.70
C CYS A 212 -5.48 -10.70 7.09
N LYS A 213 -6.66 -10.58 6.48
N LYS A 213 -6.66 -10.56 6.49
CA LYS A 213 -7.04 -9.29 5.88
CA LYS A 213 -6.95 -9.27 5.87
C LYS A 213 -6.90 -8.18 6.89
C LYS A 213 -6.92 -8.15 6.89
N SER A 214 -7.34 -8.43 8.12
CA SER A 214 -7.32 -7.41 9.16
C SER A 214 -5.89 -6.88 9.46
N SER A 215 -4.88 -7.66 9.13
CA SER A 215 -3.49 -7.20 9.29
C SER A 215 -3.23 -5.95 8.46
N ASP A 216 -3.88 -5.83 7.29
CA ASP A 216 -3.73 -4.62 6.47
C ASP A 216 -4.45 -3.43 7.12
N LEU A 217 -5.47 -3.71 7.94
CA LEU A 217 -6.18 -2.62 8.63
C LEU A 217 -5.34 -2.04 9.75
N TRP A 218 -4.54 -2.89 10.39
CA TRP A 218 -3.55 -2.41 11.35
C TRP A 218 -2.57 -1.50 10.63
N ALA A 219 -2.04 -1.92 9.48
CA ALA A 219 -1.14 -1.05 8.72
C ALA A 219 -1.82 0.28 8.40
N LEU A 220 -3.09 0.22 7.99
CA LEU A 220 -3.85 1.46 7.70
C LEU A 220 -3.84 2.38 8.89
N GLY A 221 -4.12 1.86 10.08
CA GLY A 221 -4.12 2.69 11.25
C GLY A 221 -2.75 3.35 11.50
N CYS A 222 -1.66 2.61 11.26
CA CYS A 222 -0.33 3.21 11.39
C CYS A 222 -0.13 4.33 10.36
N ILE A 223 -0.61 4.10 9.14
CA ILE A 223 -0.49 5.11 8.08
C ILE A 223 -1.28 6.38 8.37
N ILE A 224 -2.52 6.26 8.80
CA ILE A 224 -3.32 7.44 9.16
C ILE A 224 -2.56 8.21 10.25
N TYR A 225 -2.10 7.50 11.28
CA TYR A 225 -1.35 8.15 12.35
C TYR A 225 -0.15 8.92 11.78
N GLN A 226 0.58 8.30 10.87
CA GLN A 226 1.76 8.89 10.27
C GLN A 226 1.45 10.14 9.43
N LEU A 227 0.33 10.13 8.72
CA LEU A 227 -0.07 11.31 7.94
C LEU A 227 -0.27 12.52 8.82
N VAL A 228 -0.86 12.32 10.00
CA VAL A 228 -1.18 13.42 10.92
C VAL A 228 -0.03 13.79 11.83
N ALA A 229 0.66 12.79 12.34
CA ALA A 229 1.70 13.00 13.35
C ALA A 229 3.07 13.22 12.72
N GLY A 230 3.30 12.72 11.51
CA GLY A 230 4.56 12.89 10.82
C GLY A 230 5.48 11.70 10.92
N LEU A 231 5.16 10.77 11.82
CA LEU A 231 5.94 9.57 12.06
C LEU A 231 4.98 8.45 12.35
N PRO A 232 5.35 7.21 12.03
CA PRO A 232 4.46 6.11 12.41
C PRO A 232 4.51 5.88 13.92
N PRO A 233 3.49 5.22 14.45
CA PRO A 233 3.27 5.21 15.90
C PRO A 233 4.25 4.36 16.71
N PHE A 234 4.76 3.29 16.12
CA PHE A 234 5.73 2.39 16.77
C PHE A 234 7.05 2.60 16.06
N ARG A 235 7.99 3.18 16.74
CA ARG A 235 9.21 3.55 16.05
C ARG A 235 10.34 3.39 17.01
N ALA A 236 11.46 3.02 16.44
CA ALA A 236 12.68 2.82 17.18
C ALA A 236 13.80 2.57 16.20
N GLY A 237 15.03 2.56 16.69
CA GLY A 237 16.18 2.45 15.84
C GLY A 237 16.49 1.04 15.44
N ASN A 238 15.76 0.08 15.96
CA ASN A 238 15.91 -1.28 15.43
C ASN A 238 14.66 -2.08 15.59
N GLU A 239 14.56 -3.10 14.75
CA GLU A 239 13.32 -3.84 14.62
C GLU A 239 12.81 -4.47 15.91
N GLY A 240 13.70 -5.12 16.68
CA GLY A 240 13.23 -5.77 17.88
C GLY A 240 12.52 -4.85 18.87
N LEU A 241 13.04 -3.64 19.02
CA LEU A 241 12.42 -2.66 19.88
C LEU A 241 11.02 -2.26 19.38
N ILE A 242 10.87 -2.15 18.06
CA ILE A 242 9.55 -1.86 17.48
C ILE A 242 8.60 -3.03 17.79
N PHE A 243 9.07 -4.26 17.58
CA PHE A 243 8.19 -5.41 17.84
C PHE A 243 7.68 -5.41 19.29
N ALA A 244 8.59 -5.09 20.20
CA ALA A 244 8.23 -5.07 21.59
C ALA A 244 7.13 -4.05 21.84
N LYS A 245 7.22 -2.90 21.19
CA LYS A 245 6.17 -1.90 21.34
C LYS A 245 4.84 -2.32 20.72
N ILE A 246 4.88 -2.91 19.53
CA ILE A 246 3.64 -3.33 18.86
C ILE A 246 2.85 -4.28 19.74
N ILE A 247 3.53 -5.28 20.28
CA ILE A 247 2.80 -6.33 21.01
C ILE A 247 2.17 -5.83 22.30
N LYS A 248 2.66 -4.71 22.80
CA LYS A 248 2.14 -4.09 24.01
C LYS A 248 1.20 -2.93 23.70
N LEU A 249 0.99 -2.62 22.41
CA LEU A 249 0.20 -1.45 22.03
C LEU A 249 0.76 -0.20 22.71
N GLU A 250 2.09 -0.06 22.65
CA GLU A 250 2.79 1.05 23.30
C GLU A 250 2.99 2.19 22.30
N TYR A 251 2.07 3.15 22.31
CA TYR A 251 2.18 4.34 21.49
C TYR A 251 1.31 5.42 22.12
N ASP A 252 1.48 6.66 21.68
CA ASP A 252 0.61 7.74 22.15
CA ASP A 252 0.72 7.81 22.19
C ASP A 252 0.44 8.76 21.04
N PHE A 253 -0.58 9.61 21.21
CA PHE A 253 -0.87 10.64 20.22
C PHE A 253 -0.27 11.98 20.61
N PRO A 254 0.23 12.73 19.63
CA PRO A 254 0.62 14.11 19.91
C PRO A 254 -0.57 15.00 20.20
N GLU A 255 -0.29 16.23 20.56
N GLU A 255 -0.29 16.04 20.98
CA GLU A 255 -1.31 17.26 20.60
CA GLU A 255 -1.28 16.93 21.60
C GLU A 255 -1.83 17.70 19.23
C GLU A 255 -2.40 17.28 20.67
N LYS A 256 -3.09 18.11 19.22
N LYS A 256 -2.00 17.86 19.54
CA LYS A 256 -3.79 18.66 18.04
CA LYS A 256 -2.92 18.15 18.48
C LYS A 256 -4.08 17.59 17.01
C LYS A 256 -2.87 16.99 17.53
N PHE A 257 -3.87 16.34 17.35
N PHE A 257 -4.01 16.33 17.41
CA PHE A 257 -4.25 15.24 16.47
CA PHE A 257 -4.26 15.25 16.49
C PHE A 257 -5.78 15.29 16.28
N PHE A 258 -6.24 15.39 15.03
CA PHE A 258 -7.64 15.62 14.75
C PHE A 258 -8.49 14.58 15.50
N PRO A 259 -9.46 15.04 16.34
CA PRO A 259 -10.13 14.07 17.22
C PRO A 259 -10.80 12.87 16.56
N LYS A 260 -11.49 13.09 15.45
CA LYS A 260 -12.16 11.98 14.79
C LYS A 260 -11.17 11.04 14.13
N ALA A 261 -10.02 11.56 13.69
CA ALA A 261 -8.94 10.69 13.20
C ALA A 261 -8.32 9.89 14.34
N ARG A 262 -8.18 10.50 15.52
CA ARG A 262 -7.68 9.74 16.67
C ARG A 262 -8.65 8.60 17.00
N ASP A 263 -9.93 8.91 17.01
CA ASP A 263 -10.92 7.85 17.26
C ASP A 263 -10.80 6.70 16.26
N LEU A 264 -10.70 7.07 14.98
CA LEU A 264 -10.50 6.07 13.96
C LEU A 264 -9.24 5.23 14.17
N VAL A 265 -8.13 5.88 14.44
CA VAL A 265 -6.89 5.12 14.65
C VAL A 265 -7.01 4.18 15.86
N GLU A 266 -7.63 4.64 16.95
CA GLU A 266 -7.89 3.77 18.09
C GLU A 266 -8.76 2.56 17.78
N LYS A 267 -9.62 2.70 16.77
CA LYS A 267 -10.45 1.58 16.27
CA LYS A 267 -10.42 1.54 16.32
C LYS A 267 -9.77 0.63 15.28
N LEU A 268 -8.58 1.00 14.81
CA LEU A 268 -7.78 0.19 13.91
C LEU A 268 -6.61 -0.48 14.62
N LEU A 269 -5.96 0.27 15.50
CA LEU A 269 -4.79 -0.24 16.25
C LEU A 269 -5.31 -0.95 17.50
N VAL A 270 -5.84 -2.14 17.25
CA VAL A 270 -6.44 -2.99 18.26
C VAL A 270 -5.71 -4.32 18.19
N LEU A 271 -5.23 -4.82 19.32
CA LEU A 271 -4.44 -6.05 19.28
C LEU A 271 -5.21 -7.23 18.73
N ASP A 272 -6.47 -7.36 19.12
CA ASP A 272 -7.32 -8.44 18.64
C ASP A 272 -7.76 -8.14 17.19
N ALA A 273 -7.24 -8.92 16.26
CA ALA A 273 -7.47 -8.68 14.85
C ALA A 273 -8.95 -8.84 14.42
N THR A 274 -9.74 -9.46 15.27
CA THR A 274 -11.19 -9.60 14.99
C THR A 274 -12.03 -8.40 15.48
N LYS A 275 -11.36 -7.40 16.05
CA LYS A 275 -12.05 -6.24 16.63
C LYS A 275 -11.68 -4.93 15.96
N ARG A 276 -11.01 -4.98 14.82
CA ARG A 276 -10.63 -3.79 14.07
C ARG A 276 -11.73 -3.35 13.13
N LEU A 277 -12.03 -2.07 13.13
CA LEU A 277 -13.08 -1.55 12.25
C LEU A 277 -12.71 -1.82 10.78
N GLY A 278 -13.62 -2.44 10.04
CA GLY A 278 -13.33 -2.85 8.68
C GLY A 278 -13.15 -4.33 8.50
N CYS A 279 -12.85 -5.08 9.58
CA CYS A 279 -12.57 -6.50 9.43
C CYS A 279 -13.86 -7.29 9.31
N GLU A 280 -13.73 -8.51 8.82
CA GLU A 280 -14.91 -9.34 8.56
C GLU A 280 -15.74 -9.55 9.81
N GLU A 281 -15.12 -9.76 10.97
CA GLU A 281 -15.85 -10.01 12.20
C GLU A 281 -16.56 -8.79 12.75
N MET A 282 -16.15 -7.62 12.27
CA MET A 282 -16.79 -6.35 12.59
CA MET A 282 -16.83 -6.38 12.60
C MET A 282 -17.73 -5.92 11.46
N GLU A 283 -18.05 -6.86 10.57
CA GLU A 283 -19.03 -6.68 9.51
C GLU A 283 -18.56 -5.79 8.38
N GLY A 284 -17.27 -5.70 8.18
CA GLY A 284 -16.72 -5.25 6.92
C GLY A 284 -16.59 -3.76 6.73
N TYR A 285 -16.54 -3.38 5.45
CA TYR A 285 -16.21 -2.03 5.09
C TYR A 285 -17.33 -1.01 5.30
N GLY A 286 -18.58 -1.43 5.40
CA GLY A 286 -19.65 -0.48 5.62
C GLY A 286 -19.44 0.32 6.88
N PRO A 287 -19.21 -0.35 8.02
CA PRO A 287 -19.04 0.45 9.24
C PRO A 287 -17.78 1.31 9.21
N LEU A 288 -16.71 0.83 8.56
CA LEU A 288 -15.49 1.63 8.44
C LEU A 288 -15.75 2.91 7.62
N LYS A 289 -16.38 2.76 6.47
CA LYS A 289 -16.68 3.93 5.64
C LYS A 289 -17.65 4.90 6.31
N ALA A 290 -18.46 4.39 7.24
CA ALA A 290 -19.42 5.19 7.97
C ALA A 290 -18.82 5.89 9.18
N HIS A 291 -17.53 5.73 9.41
CA HIS A 291 -16.92 6.35 10.58
C HIS A 291 -17.05 7.88 10.48
N PRO A 292 -17.31 8.58 11.60
CA PRO A 292 -17.46 10.03 11.52
C PRO A 292 -16.31 10.81 10.84
N PHE A 293 -15.09 10.29 10.90
CA PHE A 293 -13.99 10.96 10.22
C PHE A 293 -14.24 11.10 8.72
N PHE A 294 -15.06 10.20 8.16
CA PHE A 294 -15.33 10.18 6.73
C PHE A 294 -16.69 10.79 6.35
N GLU A 295 -17.35 11.51 7.26
N GLU A 295 -17.36 11.48 7.26
CA GLU A 295 -18.71 12.02 7.03
CA GLU A 295 -18.60 12.15 6.89
C GLU A 295 -18.88 12.70 5.66
C GLU A 295 -18.21 13.22 5.86
N SER A 296 -17.89 13.49 5.25
N SER A 296 -18.96 13.30 4.77
CA SER A 296 -18.04 14.31 4.05
CA SER A 296 -18.63 14.20 3.65
C SER A 296 -17.75 13.52 2.76
C SER A 296 -17.59 13.64 2.67
N VAL A 297 -17.03 12.42 2.91
N VAL A 297 -17.15 12.39 2.87
CA VAL A 297 -16.55 11.65 1.77
C VAL A 297 -17.66 11.11 0.88
N THR A 298 -17.49 11.32 -0.42
CA THR A 298 -18.31 10.68 -1.46
C THR A 298 -17.48 9.50 -1.97
N TRP A 299 -17.84 8.30 -1.54
CA TRP A 299 -17.03 7.12 -1.79
CA TRP A 299 -17.01 7.11 -1.75
C TRP A 299 -17.08 6.70 -3.28
C TRP A 299 -17.04 6.52 -3.12
N GLU A 300 -18.26 6.81 -3.88
N GLU A 300 -18.04 6.85 -3.91
CA GLU A 300 -18.51 6.17 -5.16
CA GLU A 300 -18.33 6.05 -5.08
C GLU A 300 -17.49 6.45 -6.25
N ASN A 301 -16.94 7.66 -6.28
CA ASN A 301 -16.13 8.10 -7.44
C ASN A 301 -14.87 8.90 -7.07
N LEU A 302 -14.20 8.49 -6.00
CA LEU A 302 -13.03 9.19 -5.50
C LEU A 302 -12.00 9.39 -6.60
N HIS A 303 -11.80 8.41 -7.48
CA HIS A 303 -10.69 8.57 -8.44
C HIS A 303 -10.97 9.63 -9.50
N GLN A 304 -12.20 10.11 -9.57
CA GLN A 304 -12.58 11.16 -10.51
C GLN A 304 -12.70 12.52 -9.83
N GLN A 305 -12.55 12.56 -8.52
CA GLN A 305 -12.52 13.80 -7.77
C GLN A 305 -11.15 14.46 -7.87
N THR A 306 -11.09 15.78 -7.79
CA THR A 306 -9.80 16.45 -7.82
C THR A 306 -9.21 16.42 -6.41
N PRO A 307 -8.02 15.80 -6.25
CA PRO A 307 -7.49 15.73 -4.89
C PRO A 307 -7.20 17.11 -4.33
N PRO A 308 -7.32 17.25 -3.00
CA PRO A 308 -6.94 18.51 -2.38
C PRO A 308 -5.44 18.76 -2.49
N LYS A 309 -5.02 20.00 -2.59
CA LYS A 309 -3.59 20.31 -2.77
C LYS A 309 -2.89 20.10 -1.44
N LEU A 310 -1.75 19.42 -1.52
N LEU A 310 -1.71 19.51 -1.46
CA LEU A 310 -0.87 19.19 -0.38
CA LEU A 310 -1.05 19.24 -0.18
C LEU A 310 0.03 20.42 -0.20
C LEU A 310 -0.61 20.51 0.55
N THR A 311 -0.42 21.35 0.65
N THR A 311 -0.33 21.58 -0.21
CA THR A 311 0.13 22.70 0.88
CA THR A 311 0.08 22.86 0.36
C THR A 311 -0.73 23.78 0.20
C THR A 311 -0.72 24.04 -0.18
#